data_9ASD
#
_entry.id   9ASD
#
loop_
_entity.id
_entity.type
_entity.pdbx_description
1 polymer 'VIR-7229 Fab heavy chain'
2 polymer 'VIR-7229 Fab light chain'
3 polymer 'Spike glycoprotein'
4 non-polymer 2-acetamido-2-deoxy-beta-D-glucopyranose
#
loop_
_entity_poly.entity_id
_entity_poly.type
_entity_poly.pdbx_seq_one_letter_code
_entity_poly.pdbx_strand_id
1 'polypeptide(L)'
;EVQLVESGGSVVQPGRALRLSCAASGITFSSFGMYWVRQAPGKGLEWLGYIAYDGSDTYYADSVKGRFTISRDNSKNTLY
LQMNSLRIEDTAVYYCAKDYYPLLSYYYGLDVWGQGTTVTVSS
;
H
2 'polypeptide(L)'
;QSVLTQPRSVSGSPGQSVTISCTGTSSDVGAYNYVSWYQQHPGKAPKFMIYDVDQRPSGVPDRFSGSKSGNTASLIISGL
QAEDEADYYCSSYAGSYIWVFGGGTQLTVL
;
L
3 'polypeptide(L)'
;MFVFLVLLPLVSSQCVMPLFNLITTTQSYTNSFTRGVYYPDKVFRSSVLHLTQDLFLPFFSNVTWFHAISGTNGTKRFDN
PVLPFNDGVYFASTEKSNIIRGWIFGTTLDSKTQSLLIVNNATNVFIKVCEFQFCNDPFLDVYHKNNKSWMESESGVYSS
ANNCTFEYVSQPFLMDLEGKQGNFKNLREFVFKNIDGYFKIYSKHTPIIGRDFPQGFSALEPLVDLPIGINITRFQTLLA
LNRSYLTPGDSSSGWTAGAADYYVGYLQPRTFLLKYNENGTITDAVDCALDPLSETKCTLKSFTVEKGIYQTSNFRVQPT
ESIVRFPNVTNLCPFHEVFNATRFASVYAWNRTRISNCVADYSVLYNFAPFFAFKCYGVSPTKLNDLCFTNVYADSFVIK
GNEVSQIAPGQTGNIADYNYKLPDDFTGCVIAWNSNKLDSKHSGNYDYWYRLFRKSKLKPFERDISTEIYQAGNKPCKGK
GPNCYFPLQSYGFRPTYGVGHQPYRVVVLSFELLHAPATVCGPKKSTNLVKNKCVNFNFNGLTGTGVLTKSNKKFLPFQQ
FGRDIVDTTDAVRDPQTLEILDITPCSFGGVSVITPGTNTSNQVAVLYQGVNCTEVSVAIHADQLTPTWRVYSTGSNVFQ
TRAGCLIGAEYVNNSYECDIPIGAGVCASYQTQTKSRGSASSVASQSIIAYTMSLGAENSVAYSNNSIAIPTNFTISVTT
EILPVSMTKTSVDCTMYICGDSTECSNLLLQYGSFCTQLKRALTGIAVEQDKNTQEVFAQVKQIYKTPPIKYFGGFNFSQ
ILPDPSKPSKRSPIEDLLFNKVTLADAGFIKQYGDCLGDIAARDLICAQKFNGLTVLPPLLTDEMIAQYTSALLAGTITS
GWTFGAGPALQIPFPMQMAYRFNGIGVTQNVLYENQKLIANQFNSAIGKIQDSLFSTPSALGKLQDVVNHNAQALNTLVK
QLSSKFGAISSVLNDILSRLDPPEAEVQIDRLITGRLQSLQTYVTQQLIRAAEIRASANLAATKMSECVLGQSKRVDFCG
KGYHLMSFPQSAPHGVVFLHVTYVPAQEKNFTTAPAICHDGKAHFPREGVFVSNGTHWFVTQRNFYEPQIITTDNTFVSG
NCDVVIGIVNNTVYDPLQLELDSFKEELDKYFKNHTSPDVDLGDISGINASVVNIQKEIDRLNEVAKNLNESLIDLQELG
KYEQGSGYIPEAPRDGQAYVRKDGEWVLLSTFLGRSLEVLFQGPGSGGLNDIFEAQKIEWHEGSGHHHHHHHH
;
R
#
# COMPACT_ATOMS: atom_id res chain seq x y z
N VAL A 2 3.32 -23.36 -4.48
CA VAL A 2 4.61 -22.68 -4.60
C VAL A 2 5.35 -22.72 -3.26
N GLN A 3 6.20 -23.73 -3.09
CA GLN A 3 7.01 -23.88 -1.88
C GLN A 3 8.33 -23.13 -2.00
N LEU A 4 8.74 -22.52 -0.90
CA LEU A 4 10.02 -21.81 -0.84
C LEU A 4 11.03 -22.62 -0.05
N VAL A 5 12.07 -23.08 -0.74
CA VAL A 5 13.07 -23.95 -0.13
C VAL A 5 14.33 -23.18 0.22
N GLU A 6 14.58 -23.06 1.52
CA GLU A 6 15.64 -22.21 2.05
C GLU A 6 16.93 -22.99 2.27
N SER A 7 18.07 -22.37 1.97
CA SER A 7 19.37 -22.99 2.17
C SER A 7 20.50 -21.96 2.24
N GLY A 8 21.71 -22.42 2.57
CA GLY A 8 22.89 -21.57 2.59
C GLY A 8 23.31 -21.15 3.99
N GLY A 9 22.59 -21.63 5.00
CA GLY A 9 22.91 -21.30 6.38
C GLY A 9 24.11 -22.10 6.86
N SER A 10 24.87 -21.52 7.79
CA SER A 10 26.01 -22.19 8.40
C SER A 10 26.50 -21.42 9.61
N VAL A 11 27.52 -21.96 10.25
CA VAL A 11 28.20 -21.26 11.34
C VAL A 11 29.45 -20.60 10.76
N VAL A 12 29.53 -19.28 10.86
CA VAL A 12 30.64 -18.57 10.25
C VAL A 12 31.35 -17.65 11.22
N GLN A 13 32.57 -17.27 10.86
CA GLN A 13 33.37 -16.35 11.67
C GLN A 13 32.99 -14.90 11.32
N PRO A 14 32.84 -14.02 12.31
CA PRO A 14 32.56 -12.60 12.16
C PRO A 14 33.55 -11.92 11.22
N GLY A 15 33.04 -11.01 10.41
CA GLY A 15 33.86 -10.24 9.48
C GLY A 15 33.87 -10.86 8.09
N ARG A 16 33.39 -12.09 7.98
CA ARG A 16 33.38 -12.79 6.71
C ARG A 16 32.04 -12.64 6.00
N ALA A 17 32.03 -12.97 4.71
CA ALA A 17 30.81 -12.89 3.91
C ALA A 17 30.07 -14.23 3.90
N LEU A 18 28.78 -14.19 3.59
CA LEU A 18 27.96 -15.40 3.52
C LEU A 18 26.83 -15.26 2.48
N ARG A 19 26.71 -16.25 1.61
CA ARG A 19 25.64 -16.25 0.62
C ARG A 19 24.44 -17.11 1.02
N LEU A 20 23.28 -16.47 1.11
CA LEU A 20 22.03 -17.16 1.40
C LEU A 20 21.14 -17.20 0.17
N SER A 21 20.28 -18.21 0.07
CA SER A 21 19.36 -18.27 -1.05
C SER A 21 18.14 -19.12 -0.74
N CYS A 22 17.10 -18.99 -1.56
CA CYS A 22 15.94 -19.88 -1.53
C CYS A 22 15.39 -20.12 -2.93
N ALA A 23 14.95 -21.34 -3.18
CA ALA A 23 14.41 -21.70 -4.47
C ALA A 23 12.89 -21.71 -4.43
N ALA A 24 12.27 -21.12 -5.45
CA ALA A 24 10.83 -21.09 -5.53
C ALA A 24 10.32 -22.14 -6.51
N SER A 25 9.47 -23.03 -6.02
CA SER A 25 8.91 -24.09 -6.85
C SER A 25 7.95 -23.51 -7.88
N GLY A 26 7.81 -24.20 -9.00
CA GLY A 26 6.89 -23.77 -10.05
C GLY A 26 7.55 -22.74 -10.95
N ILE A 27 6.74 -22.02 -11.71
CA ILE A 27 7.25 -21.05 -12.68
C ILE A 27 6.71 -19.65 -12.42
N THR A 28 6.16 -19.43 -11.23
CA THR A 28 5.54 -18.16 -10.88
C THR A 28 6.53 -17.21 -10.23
N PHE A 29 7.75 -17.67 -10.00
CA PHE A 29 8.76 -16.84 -9.37
C PHE A 29 8.93 -15.52 -10.09
N SER A 30 8.98 -15.58 -11.42
CA SER A 30 9.24 -14.42 -12.27
C SER A 30 8.12 -13.39 -12.22
N SER A 31 6.98 -13.76 -11.66
CA SER A 31 5.84 -12.86 -11.62
C SER A 31 5.75 -12.06 -10.32
N PHE A 32 6.50 -12.46 -9.30
CA PHE A 32 6.34 -11.84 -7.98
C PHE A 32 7.60 -11.19 -7.46
N GLY A 33 7.42 -10.11 -6.71
CA GLY A 33 8.50 -9.50 -5.95
C GLY A 33 8.79 -10.34 -4.72
N MET A 34 10.01 -10.30 -4.23
CA MET A 34 10.41 -11.10 -3.08
C MET A 34 10.96 -10.26 -1.95
N TYR A 35 10.67 -10.71 -0.73
CA TYR A 35 11.11 -10.02 0.47
C TYR A 35 12.05 -10.87 1.31
N TRP A 36 12.92 -10.22 2.07
CA TRP A 36 13.68 -10.89 3.11
C TRP A 36 13.29 -10.38 4.49
N VAL A 37 13.13 -11.30 5.42
CA VAL A 37 12.81 -10.98 6.81
C VAL A 37 13.71 -11.76 7.76
N ARG A 38 14.16 -11.11 8.81
CA ARG A 38 15.06 -11.75 9.77
C ARG A 38 14.42 -11.88 11.15
N GLN A 39 14.67 -12.99 11.82
CA GLN A 39 14.19 -13.16 13.19
C GLN A 39 15.24 -13.74 14.12
N ALA A 40 15.84 -12.88 14.94
CA ALA A 40 16.82 -13.31 15.92
C ALA A 40 16.11 -14.08 17.02
N PRO A 41 16.75 -15.10 17.60
CA PRO A 41 16.21 -15.95 18.64
C PRO A 41 15.83 -15.13 19.86
N GLY A 42 14.61 -15.34 20.36
CA GLY A 42 14.13 -14.64 21.53
C GLY A 42 13.59 -13.25 21.17
N LYS A 43 13.62 -12.91 19.89
CA LYS A 43 13.18 -11.60 19.43
C LYS A 43 12.13 -11.69 18.33
N GLY A 44 11.56 -10.53 17.97
CA GLY A 44 10.54 -10.47 16.93
C GLY A 44 11.16 -10.36 15.56
N LEU A 45 10.34 -9.99 14.58
CA LEU A 45 10.75 -9.95 13.19
C LEU A 45 11.36 -8.59 12.82
N GLU A 46 12.29 -8.61 11.88
CA GLU A 46 12.87 -7.40 11.34
C GLU A 46 12.87 -7.45 9.81
N TRP A 47 12.44 -6.37 9.19
CA TRP A 47 12.40 -6.31 7.73
C TRP A 47 13.81 -6.08 7.21
N LEU A 48 14.22 -6.84 6.20
CA LEU A 48 15.57 -6.73 5.67
C LEU A 48 15.61 -6.03 4.32
N GLY A 49 14.67 -6.37 3.44
CA GLY A 49 14.64 -5.73 2.13
C GLY A 49 13.66 -6.36 1.16
N TYR A 50 13.60 -5.80 -0.04
CA TYR A 50 12.68 -6.23 -1.09
C TYR A 50 13.26 -6.05 -2.48
N ILE A 51 13.03 -7.02 -3.34
CA ILE A 51 13.42 -6.90 -4.74
C ILE A 51 12.22 -7.08 -5.67
N ALA A 52 12.07 -6.15 -6.61
CA ALA A 52 10.97 -6.17 -7.56
C ALA A 52 11.03 -7.37 -8.49
N TYR A 53 9.89 -7.77 -9.01
CA TYR A 53 9.78 -8.93 -9.90
C TYR A 53 10.68 -8.80 -11.13
N ASP A 54 10.93 -7.57 -11.58
CA ASP A 54 11.75 -7.34 -12.75
C ASP A 54 13.21 -7.08 -12.39
N GLY A 55 13.51 -7.10 -11.09
CA GLY A 55 14.87 -6.91 -10.61
C GLY A 55 15.32 -5.45 -10.65
N SER A 56 14.42 -4.55 -11.02
CA SER A 56 14.78 -3.14 -11.17
C SER A 56 14.86 -2.40 -9.86
N ASP A 57 13.76 -2.38 -9.11
CA ASP A 57 13.70 -1.63 -7.86
C ASP A 57 14.02 -2.53 -6.67
N THR A 58 15.06 -2.14 -5.91
CA THR A 58 15.44 -2.89 -4.72
C THR A 58 15.56 -1.96 -3.53
N TYR A 59 14.97 -2.37 -2.40
CA TYR A 59 14.99 -1.55 -1.19
C TYR A 59 15.56 -2.30 -0.01
N TYR A 60 16.19 -1.58 0.90
CA TYR A 60 16.79 -2.19 2.09
C TYR A 60 16.37 -1.48 3.36
N ALA A 61 16.34 -2.22 4.46
CA ALA A 61 16.18 -1.60 5.76
C ALA A 61 17.45 -0.87 6.12
N ASP A 62 17.32 0.27 6.79
CA ASP A 62 18.48 1.09 7.11
C ASP A 62 19.55 0.31 7.85
N SER A 63 19.14 -0.63 8.69
CA SER A 63 20.07 -1.39 9.52
C SER A 63 21.13 -2.12 8.70
N VAL A 64 20.78 -2.58 7.51
CA VAL A 64 21.71 -3.36 6.69
C VAL A 64 22.03 -2.67 5.37
N LYS A 65 21.69 -1.40 5.28
CA LYS A 65 21.88 -0.66 4.04
C LYS A 65 23.36 -0.44 3.78
N GLY A 66 23.82 -0.85 2.61
CA GLY A 66 25.22 -0.68 2.23
C GLY A 66 26.06 -1.89 2.63
N ARG A 67 25.44 -2.85 3.31
CA ARG A 67 26.14 -4.06 3.75
C ARG A 67 25.62 -5.28 3.02
N PHE A 68 24.30 -5.40 2.94
CA PHE A 68 23.68 -6.56 2.32
C PHE A 68 23.15 -6.23 0.93
N THR A 69 23.26 -7.20 0.02
CA THR A 69 22.77 -7.04 -1.34
C THR A 69 21.74 -8.10 -1.71
N ILE A 70 20.61 -7.67 -2.24
CA ILE A 70 19.56 -8.59 -2.66
C ILE A 70 19.52 -8.68 -4.19
N SER A 71 19.52 -9.91 -4.69
CA SER A 71 19.50 -10.16 -6.12
C SER A 71 18.75 -11.43 -6.44
N ARG A 72 18.39 -11.62 -7.70
CA ARG A 72 17.64 -12.82 -8.08
C ARG A 72 18.04 -13.31 -9.46
N ASP A 73 17.85 -14.60 -9.69
CA ASP A 73 18.10 -15.21 -11.00
C ASP A 73 16.80 -15.72 -11.60
N ASN A 74 16.30 -15.00 -12.60
CA ASN A 74 15.00 -15.24 -13.18
C ASN A 74 14.95 -16.57 -13.94
N SER A 75 16.10 -17.08 -14.35
CA SER A 75 16.15 -18.31 -15.13
C SER A 75 16.20 -19.53 -14.22
N LYS A 76 16.80 -19.37 -13.05
CA LYS A 76 16.93 -20.47 -12.10
C LYS A 76 15.77 -20.49 -11.11
N ASN A 77 14.99 -19.40 -11.09
CA ASN A 77 13.90 -19.24 -10.14
C ASN A 77 14.39 -19.26 -8.70
N THR A 78 15.52 -18.60 -8.47
CA THR A 78 16.10 -18.54 -7.13
C THR A 78 16.34 -17.11 -6.68
N LEU A 79 16.24 -16.89 -5.37
CA LEU A 79 16.50 -15.60 -4.74
C LEU A 79 17.79 -15.65 -3.93
N TYR A 80 18.60 -14.61 -4.02
CA TYR A 80 19.86 -14.57 -3.28
C TYR A 80 19.95 -13.39 -2.32
N LEU A 81 20.63 -13.60 -1.21
CA LEU A 81 21.01 -12.55 -0.27
C LEU A 81 22.50 -12.63 0.00
N GLN A 82 23.23 -11.59 -0.39
CA GLN A 82 24.67 -11.57 -0.17
C GLN A 82 25.00 -10.75 1.05
N MET A 83 25.45 -11.42 2.10
CA MET A 83 25.76 -10.79 3.36
C MET A 83 27.24 -10.47 3.43
N ASN A 84 27.58 -9.30 3.93
CA ASN A 84 28.99 -8.93 4.07
C ASN A 84 29.29 -8.45 5.47
N SER A 85 30.53 -8.68 5.91
CA SER A 85 30.97 -8.24 7.21
C SER A 85 29.98 -8.58 8.32
N LEU A 86 29.72 -9.88 8.50
CA LEU A 86 28.76 -10.30 9.50
C LEU A 86 29.28 -9.96 10.89
N ARG A 87 28.35 -9.51 11.74
CA ARG A 87 28.76 -9.04 13.08
C ARG A 87 28.26 -10.04 14.12
N ILE A 88 28.70 -9.83 15.35
CA ILE A 88 28.33 -10.72 16.45
C ILE A 88 26.81 -10.78 16.61
N GLU A 89 26.16 -9.63 16.43
CA GLU A 89 24.72 -9.51 16.59
C GLU A 89 23.93 -10.15 15.45
N ASP A 90 24.58 -10.46 14.33
CA ASP A 90 23.88 -10.96 13.16
C ASP A 90 23.65 -12.47 13.25
N THR A 91 22.92 -12.87 14.29
CA THR A 91 22.56 -14.27 14.48
C THR A 91 21.04 -14.40 14.47
N ALA A 92 20.52 -15.08 13.47
CA ALA A 92 19.09 -15.10 13.26
C ALA A 92 18.66 -16.13 12.23
N VAL A 93 17.36 -16.37 12.17
CA VAL A 93 16.79 -17.16 11.10
C VAL A 93 16.29 -16.24 9.99
N TYR A 94 16.77 -16.48 8.78
CA TYR A 94 16.42 -15.64 7.64
C TYR A 94 15.34 -16.30 6.79
N TYR A 95 14.31 -15.52 6.46
CA TYR A 95 13.22 -16.01 5.63
C TYR A 95 13.13 -15.21 4.34
N CYS A 96 12.74 -15.87 3.25
CA CYS A 96 12.29 -15.17 2.04
C CYS A 96 10.77 -15.32 1.95
N ALA A 97 10.12 -14.36 1.32
CA ALA A 97 8.68 -14.41 1.22
C ALA A 97 8.14 -13.82 -0.08
N LYS A 98 7.00 -14.36 -0.51
CA LYS A 98 6.33 -13.93 -1.74
C LYS A 98 5.28 -12.86 -1.51
N ASP A 99 5.33 -11.80 -2.32
CA ASP A 99 4.33 -10.74 -2.32
C ASP A 99 2.95 -11.33 -2.57
N TYR A 100 1.98 -10.92 -1.76
CA TYR A 100 0.60 -11.37 -1.91
C TYR A 100 0.11 -11.22 -3.35
N TYR A 101 0.41 -10.10 -3.99
CA TYR A 101 0.00 -9.86 -5.37
C TYR A 101 1.22 -9.83 -6.32
N PRO A 102 1.02 -10.21 -7.59
CA PRO A 102 2.01 -10.22 -8.66
C PRO A 102 2.39 -8.84 -9.15
N LEU A 103 3.48 -8.78 -9.90
CA LEU A 103 3.99 -7.53 -10.46
C LEU A 103 4.30 -6.55 -9.35
N LEU A 104 4.04 -5.26 -9.56
CA LEU A 104 4.29 -4.29 -8.51
C LEU A 104 3.03 -4.12 -7.68
N SER A 105 3.14 -4.40 -6.40
CA SER A 105 2.00 -4.34 -5.51
C SER A 105 2.43 -3.78 -4.17
N TYR A 106 3.18 -4.56 -3.41
CA TYR A 106 3.93 -4.07 -2.26
C TYR A 106 3.07 -3.75 -1.03
N TYR A 107 2.16 -2.81 -1.17
CA TYR A 107 1.43 -2.36 0.02
C TYR A 107 0.42 -3.34 0.49
N TYR A 108 0.63 -4.66 0.39
CA TYR A 108 -0.37 -5.59 0.95
C TYR A 108 0.23 -6.33 2.11
N GLY A 109 1.19 -7.22 1.91
CA GLY A 109 1.81 -8.10 2.89
C GLY A 109 2.51 -9.30 2.27
N LEU A 110 3.05 -10.15 3.14
CA LEU A 110 3.82 -11.32 2.76
C LEU A 110 3.00 -12.58 2.92
N ASP A 111 2.65 -13.22 1.80
CA ASP A 111 1.73 -14.34 1.84
C ASP A 111 2.43 -15.68 2.03
N VAL A 112 3.45 -15.94 1.23
CA VAL A 112 4.11 -17.24 1.30
C VAL A 112 5.51 -17.12 1.88
N TRP A 113 5.76 -17.87 2.94
CA TRP A 113 7.04 -17.82 3.64
C TRP A 113 7.80 -19.13 3.50
N GLY A 114 9.13 -19.05 3.48
CA GLY A 114 9.96 -20.25 3.53
C GLY A 114 10.08 -20.76 4.95
N GLN A 115 10.84 -21.84 5.15
CA GLN A 115 10.96 -22.44 6.47
C GLN A 115 11.94 -21.69 7.37
N GLY A 116 12.92 -21.05 6.76
CA GLY A 116 13.89 -20.24 7.48
C GLY A 116 15.29 -20.85 7.54
N THR A 117 16.29 -20.06 7.15
CA THR A 117 17.69 -20.47 7.17
C THR A 117 18.39 -19.98 8.42
N THR A 118 19.06 -20.87 9.13
CA THR A 118 19.72 -20.47 10.37
C THR A 118 21.16 -20.01 10.13
N VAL A 119 21.45 -18.78 10.55
CA VAL A 119 22.79 -18.21 10.43
C VAL A 119 23.31 -17.80 11.80
N THR A 120 24.47 -18.31 12.18
CA THR A 120 25.04 -17.95 13.47
C THR A 120 26.49 -17.51 13.33
N VAL A 121 27.01 -16.85 14.38
CA VAL A 121 28.37 -16.33 14.43
C VAL A 121 29.03 -16.65 15.77
N SER B 2 12.31 3.40 15.24
CA SER B 2 10.93 3.56 14.79
C SER B 2 10.16 2.23 14.83
N VAL B 3 10.45 1.40 15.83
CA VAL B 3 9.82 0.09 16.02
C VAL B 3 8.49 0.22 16.76
N LEU B 4 7.47 -0.45 16.26
CA LEU B 4 6.14 -0.37 16.85
C LEU B 4 6.10 -1.06 18.21
N THR B 5 5.46 -0.40 19.17
CA THR B 5 5.42 -0.89 20.54
C THR B 5 4.21 -1.78 20.79
N GLN B 6 4.46 -2.93 21.41
CA GLN B 6 3.41 -3.89 21.72
C GLN B 6 3.53 -4.38 23.17
N PRO B 7 2.42 -4.83 23.76
CA PRO B 7 2.35 -5.58 25.00
C PRO B 7 3.16 -6.85 24.87
N ARG B 8 3.95 -7.17 25.89
CA ARG B 8 4.74 -8.39 25.84
C ARG B 8 3.84 -9.60 25.75
N SER B 9 2.75 -9.57 26.51
CA SER B 9 1.83 -10.68 26.59
C SER B 9 0.40 -10.22 26.86
N VAL B 10 -0.56 -10.88 26.23
CA VAL B 10 -1.97 -10.59 26.42
C VAL B 10 -2.74 -11.79 26.95
N SER B 11 -3.39 -11.60 28.09
CA SER B 11 -4.14 -12.68 28.75
C SER B 11 -5.49 -12.90 28.09
N GLY B 12 -6.10 -14.04 28.39
CA GLY B 12 -7.43 -14.38 27.90
C GLY B 12 -7.76 -15.84 28.17
N SER B 13 -8.93 -16.28 27.74
CA SER B 13 -9.35 -17.66 27.93
C SER B 13 -10.28 -18.05 26.78
N PRO B 14 -10.46 -19.35 26.51
CA PRO B 14 -11.30 -19.87 25.46
C PRO B 14 -12.72 -19.34 25.58
N GLY B 15 -13.28 -18.95 24.45
CA GLY B 15 -14.64 -18.45 24.38
C GLY B 15 -14.73 -16.94 24.52
N GLN B 16 -13.65 -16.31 24.98
CA GLN B 16 -13.63 -14.87 25.18
C GLN B 16 -12.92 -14.16 24.04
N SER B 17 -12.93 -12.83 24.09
CA SER B 17 -12.24 -12.04 23.08
C SER B 17 -11.13 -11.22 23.70
N VAL B 18 -10.07 -11.01 22.92
CA VAL B 18 -8.96 -10.17 23.34
C VAL B 18 -8.54 -9.22 22.24
N THR B 19 -7.87 -8.14 22.62
CA THR B 19 -7.33 -7.21 21.66
C THR B 19 -5.84 -7.03 21.83
N ILE B 20 -5.12 -7.00 20.72
CA ILE B 20 -3.69 -6.77 20.72
C ILE B 20 -3.33 -5.52 19.96
N SER B 21 -2.94 -4.48 20.67
CA SER B 21 -2.64 -3.21 20.01
C SER B 21 -1.16 -3.06 19.76
N CYS B 22 -0.82 -2.31 18.72
CA CYS B 22 0.54 -1.85 18.46
C CYS B 22 0.52 -0.38 18.06
N THR B 23 1.45 0.39 18.61
CA THR B 23 1.44 1.82 18.37
C THR B 23 2.69 2.28 17.64
N GLY B 24 2.50 3.27 16.79
CA GLY B 24 3.62 3.90 16.11
C GLY B 24 3.58 5.40 16.32
N THR B 25 3.87 6.15 15.29
CA THR B 25 3.83 7.60 15.33
C THR B 25 2.98 8.12 14.19
N SER B 26 2.88 9.44 14.08
CA SER B 26 2.12 10.06 13.01
C SER B 26 2.78 9.86 11.65
N SER B 27 4.04 9.41 11.66
CA SER B 27 4.79 9.24 10.42
C SER B 27 4.59 7.87 9.77
N ASP B 28 4.00 6.91 10.50
CA ASP B 28 3.85 5.56 9.94
C ASP B 28 2.46 4.97 10.13
N VAL B 29 2.10 4.59 11.35
CA VAL B 29 0.81 3.96 11.59
C VAL B 29 -0.33 4.93 11.34
N GLY B 30 -0.17 6.17 11.76
CA GLY B 30 -1.25 7.15 11.56
C GLY B 30 -1.34 7.56 10.10
N ALA B 31 -0.21 7.89 9.48
CA ALA B 31 -0.23 8.41 8.10
C ALA B 31 -0.77 7.41 7.08
N TYR B 32 -0.41 6.14 7.19
CA TYR B 32 -0.81 5.17 6.14
C TYR B 32 -1.68 4.09 6.73
N ASN B 33 -2.83 3.79 6.10
CA ASN B 33 -3.65 2.66 6.57
C ASN B 33 -3.13 1.38 5.94
N TYR B 34 -1.91 0.96 6.28
CA TYR B 34 -1.35 -0.30 5.76
C TYR B 34 -0.79 -1.05 6.95
N VAL B 35 -1.66 -1.58 7.81
CA VAL B 35 -1.18 -2.41 8.95
C VAL B 35 -1.50 -3.88 8.66
N SER B 36 -0.49 -4.74 8.63
CA SER B 36 -0.67 -6.16 8.30
C SER B 36 -0.26 -7.01 9.51
N TRP B 37 -1.06 -7.99 9.90
CA TRP B 37 -0.79 -8.78 11.13
C TRP B 37 -0.43 -10.21 10.77
N TYR B 38 0.65 -10.77 11.34
CA TYR B 38 1.11 -12.15 11.05
C TYR B 38 1.01 -13.05 12.29
N GLN B 39 0.60 -14.31 12.15
CA GLN B 39 0.45 -15.27 13.23
C GLN B 39 1.54 -16.34 13.17
N GLN B 40 2.42 -16.38 14.17
CA GLN B 40 3.52 -17.32 14.15
C GLN B 40 3.46 -18.36 15.26
N HIS B 41 3.63 -19.61 14.89
CA HIS B 41 3.74 -20.71 15.85
C HIS B 41 5.20 -21.04 16.07
N PRO B 42 5.57 -21.58 17.24
CA PRO B 42 6.89 -22.08 17.54
C PRO B 42 7.34 -23.10 16.52
N GLY B 43 8.54 -22.90 15.97
CA GLY B 43 9.11 -23.84 15.00
C GLY B 43 8.49 -23.71 13.62
N LYS B 44 7.75 -22.63 13.37
CA LYS B 44 7.06 -22.47 12.10
C LYS B 44 7.14 -21.03 11.59
N ALA B 45 7.15 -20.89 10.26
CA ALA B 45 7.14 -19.57 9.63
C ALA B 45 5.82 -18.87 9.92
N PRO B 46 5.81 -17.53 10.00
CA PRO B 46 4.65 -16.68 10.17
C PRO B 46 3.59 -16.87 9.09
N LYS B 47 2.32 -16.82 9.50
CA LYS B 47 1.20 -16.90 8.58
C LYS B 47 0.60 -15.53 8.32
N PHE B 48 0.22 -15.28 7.08
CA PHE B 48 -0.40 -14.01 6.70
C PHE B 48 -1.85 -14.00 7.12
N MET B 49 -2.20 -13.06 8.02
CA MET B 49 -3.55 -13.00 8.65
C MET B 49 -4.40 -11.80 8.23
N ILE B 50 -4.17 -10.59 8.71
CA ILE B 50 -5.03 -9.40 8.40
C ILE B 50 -4.24 -8.38 7.57
N TYR B 51 -4.75 -7.88 6.45
CA TYR B 51 -4.02 -6.95 5.59
C TYR B 51 -4.83 -5.73 5.34
N ASP B 52 -4.24 -4.57 5.35
CA ASP B 52 -4.92 -3.28 5.06
C ASP B 52 -5.84 -3.10 6.25
N VAL B 53 -5.39 -3.25 7.48
CA VAL B 53 -6.12 -2.92 8.75
C VAL B 53 -7.23 -3.90 9.19
N ASP B 54 -8.25 -4.11 8.36
CA ASP B 54 -9.33 -5.09 8.65
C ASP B 54 -9.52 -6.23 7.65
N GLN B 55 -8.81 -6.30 6.54
CA GLN B 55 -9.14 -7.31 5.50
C GLN B 55 -8.35 -8.59 5.67
N ARG B 56 -8.87 -9.74 5.22
CA ARG B 56 -8.20 -11.04 5.52
C ARG B 56 -8.07 -11.92 4.29
N PRO B 57 -6.93 -12.59 4.01
CA PRO B 57 -6.78 -13.53 2.87
C PRO B 57 -7.57 -14.87 2.96
N SER B 58 -8.15 -15.48 1.88
CA SER B 58 -8.85 -16.74 2.05
C SER B 58 -8.06 -17.68 2.95
N GLY B 59 -8.76 -18.40 3.81
CA GLY B 59 -8.12 -19.33 4.73
C GLY B 59 -8.08 -18.79 6.16
N VAL B 60 -8.34 -17.49 6.31
CA VAL B 60 -8.38 -16.87 7.63
C VAL B 60 -9.80 -16.88 8.20
N PRO B 61 -10.02 -17.50 9.37
CA PRO B 61 -11.29 -17.60 10.07
C PRO B 61 -11.90 -16.23 10.32
N ASP B 62 -13.24 -16.18 10.30
CA ASP B 62 -13.98 -14.93 10.46
C ASP B 62 -13.82 -14.34 11.86
N ARG B 63 -13.31 -15.12 12.79
CA ARG B 63 -13.14 -14.64 14.16
C ARG B 63 -11.95 -13.69 14.28
N PHE B 64 -11.15 -13.59 13.22
CA PHE B 64 -10.01 -12.68 13.20
C PHE B 64 -10.35 -11.38 12.48
N SER B 65 -10.31 -10.28 13.23
CA SER B 65 -10.61 -8.96 12.69
C SER B 65 -9.61 -7.94 13.21
N GLY B 66 -9.94 -6.67 13.08
CA GLY B 66 -9.03 -5.61 13.52
C GLY B 66 -9.60 -4.24 13.24
N SER B 67 -8.90 -3.20 13.70
CA SER B 67 -9.33 -1.83 13.52
C SER B 67 -8.17 -0.86 13.64
N LYS B 68 -8.43 0.41 13.34
CA LYS B 68 -7.43 1.45 13.44
C LYS B 68 -8.03 2.77 13.92
N SER B 69 -7.33 3.44 14.84
CA SER B 69 -7.74 4.74 15.33
C SER B 69 -6.52 5.58 15.68
N GLY B 70 -6.40 6.74 15.04
CA GLY B 70 -5.24 7.61 15.27
C GLY B 70 -3.96 6.92 14.82
N ASN B 71 -2.99 6.81 15.73
CA ASN B 71 -1.71 6.17 15.44
C ASN B 71 -1.62 4.78 16.06
N THR B 72 -2.77 4.22 16.43
CA THR B 72 -2.83 2.90 17.05
C THR B 72 -3.62 1.91 16.20
N ALA B 73 -3.03 0.75 15.95
CA ALA B 73 -3.70 -0.32 15.23
C ALA B 73 -3.90 -1.49 16.16
N SER B 74 -4.96 -2.26 15.95
CA SER B 74 -5.20 -3.40 16.82
C SER B 74 -5.76 -4.63 16.12
N LEU B 75 -5.35 -5.78 16.64
CA LEU B 75 -5.85 -7.08 16.20
C LEU B 75 -6.94 -7.55 17.15
N ILE B 76 -8.08 -7.91 16.59
CA ILE B 76 -9.21 -8.34 17.41
C ILE B 76 -9.50 -9.82 17.21
N ILE B 77 -9.37 -10.59 18.28
CA ILE B 77 -9.62 -12.02 18.19
C ILE B 77 -10.78 -12.41 19.10
N SER B 78 -11.84 -12.92 18.50
CA SER B 78 -13.02 -13.32 19.27
C SER B 78 -13.16 -14.83 19.28
N GLY B 79 -13.87 -15.36 20.26
CA GLY B 79 -14.13 -16.79 20.28
C GLY B 79 -12.83 -17.58 20.39
N LEU B 80 -11.93 -17.13 21.25
CA LEU B 80 -10.61 -17.74 21.37
C LEU B 80 -10.75 -19.24 21.49
N GLN B 81 -9.95 -19.95 20.72
CA GLN B 81 -9.84 -21.40 20.81
C GLN B 81 -8.48 -21.76 21.35
N ALA B 82 -8.30 -22.98 21.82
CA ALA B 82 -7.00 -23.42 22.33
C ALA B 82 -5.75 -23.43 21.45
N GLU B 83 -5.96 -23.41 20.14
CA GLU B 83 -4.87 -23.42 19.18
C GLU B 83 -4.56 -22.00 18.57
N ASP B 84 -5.08 -21.01 19.29
CA ASP B 84 -4.93 -19.62 18.88
C ASP B 84 -3.73 -19.11 19.67
N GLU B 85 -3.08 -20.02 20.40
CA GLU B 85 -1.92 -19.65 21.19
C GLU B 85 -0.72 -19.50 20.28
N ALA B 86 -0.37 -18.25 19.99
CA ALA B 86 0.67 -17.93 19.01
C ALA B 86 1.25 -16.55 19.26
N ASP B 87 2.40 -16.27 18.65
CA ASP B 87 3.01 -14.96 18.70
C ASP B 87 2.54 -14.11 17.53
N TYR B 88 1.93 -12.96 17.84
CA TYR B 88 1.38 -12.11 16.80
C TYR B 88 2.25 -10.89 16.55
N TYR B 89 2.37 -10.52 15.29
CA TYR B 89 3.14 -9.35 14.91
C TYR B 89 2.34 -8.44 13.99
N CYS B 90 2.54 -7.12 14.10
CA CYS B 90 1.98 -6.17 13.15
C CYS B 90 3.09 -5.58 12.30
N SER B 91 2.75 -5.18 11.09
CA SER B 91 3.69 -4.57 10.18
C SER B 91 3.08 -3.35 9.52
N SER B 92 3.70 -2.19 9.72
CA SER B 92 3.18 -0.96 9.16
C SER B 92 4.11 -0.42 8.10
N TYR B 93 3.57 0.42 7.23
CA TYR B 93 4.36 1.07 6.20
C TYR B 93 4.92 2.38 6.73
N ALA B 94 6.25 2.49 6.74
CA ALA B 94 6.91 3.64 7.34
C ALA B 94 7.19 4.75 6.34
N GLY B 95 6.85 4.52 5.08
CA GLY B 95 7.11 5.50 4.04
C GLY B 95 8.43 5.22 3.36
N SER B 96 8.64 5.82 2.19
CA SER B 96 9.87 5.64 1.43
C SER B 96 10.19 4.17 1.19
N TYR B 97 9.17 3.38 0.94
CA TYR B 97 9.29 1.96 0.64
C TYR B 97 9.99 1.15 1.73
N ILE B 98 9.78 1.54 2.99
CA ILE B 98 10.31 0.78 4.14
C ILE B 98 9.18 0.26 5.03
N TRP B 99 9.30 -1.00 5.45
CA TRP B 99 8.33 -1.61 6.36
C TRP B 99 8.92 -1.82 7.74
N VAL B 100 8.08 -1.72 8.77
CA VAL B 100 8.51 -1.97 10.14
C VAL B 100 7.65 -2.99 10.86
N PHE B 101 8.30 -4.03 11.39
CA PHE B 101 7.63 -5.02 12.22
C PHE B 101 7.62 -4.58 13.68
N GLY B 102 6.52 -4.87 14.37
CA GLY B 102 6.43 -4.55 15.79
C GLY B 102 7.21 -5.53 16.64
N GLY B 103 7.36 -5.20 17.92
CA GLY B 103 8.13 -6.03 18.85
C GLY B 103 7.59 -7.47 18.96
N GLY B 104 6.28 -7.62 18.86
CA GLY B 104 5.65 -8.93 18.95
C GLY B 104 4.89 -9.13 20.26
N THR B 105 3.72 -9.76 20.15
CA THR B 105 2.89 -10.03 21.33
C THR B 105 2.63 -11.51 21.48
N GLN B 106 2.82 -12.04 22.68
CA GLN B 106 2.48 -13.43 22.91
C GLN B 106 1.07 -13.55 23.48
N LEU B 107 0.22 -14.30 22.79
CA LEU B 107 -1.14 -14.50 23.25
C LEU B 107 -1.23 -15.74 24.10
N THR B 108 -1.96 -15.65 25.20
CA THR B 108 -2.18 -16.80 26.05
C THR B 108 -3.67 -17.09 26.20
N VAL B 109 -4.01 -18.32 26.59
CA VAL B 109 -5.39 -18.75 26.80
C VAL B 109 -5.56 -19.36 28.18
N THR C 330 -17.20 38.62 -20.87
CA THR C 330 -18.58 38.34 -20.47
C THR C 330 -19.01 36.93 -20.89
N ASN C 331 -18.12 35.94 -20.69
CA ASN C 331 -18.36 34.54 -21.05
C ASN C 331 -17.84 33.61 -19.97
N LEU C 332 -18.74 33.18 -19.08
CA LEU C 332 -18.35 32.43 -17.89
C LEU C 332 -17.88 31.02 -18.22
N CYS C 333 -16.95 30.52 -17.39
CA CYS C 333 -16.31 29.22 -17.57
C CYS C 333 -17.10 28.12 -16.86
N PRO C 334 -17.41 27.02 -17.57
CA PRO C 334 -18.22 25.89 -17.13
C PRO C 334 -17.47 24.97 -16.17
N PHE C 335 -17.15 25.47 -14.98
CA PHE C 335 -16.52 24.63 -13.97
C PHE C 335 -17.53 23.70 -13.32
N HIS C 336 -18.78 24.15 -13.24
CA HIS C 336 -19.83 23.37 -12.60
C HIS C 336 -20.01 22.02 -13.27
N GLU C 337 -19.67 21.92 -14.54
CA GLU C 337 -19.87 20.68 -15.27
C GLU C 337 -19.08 19.52 -14.68
N VAL C 338 -17.94 19.82 -14.03
CA VAL C 338 -17.15 18.74 -13.44
C VAL C 338 -17.41 18.62 -11.94
N PHE C 339 -17.72 19.74 -11.29
CA PHE C 339 -17.97 19.75 -9.85
C PHE C 339 -19.36 19.25 -9.45
N ASN C 340 -20.38 19.51 -10.28
CA ASN C 340 -21.77 19.15 -10.01
C ASN C 340 -22.19 17.86 -10.74
N ALA C 341 -21.21 17.07 -11.20
CA ALA C 341 -21.48 15.84 -11.95
C ALA C 341 -22.24 14.82 -11.11
N THR C 342 -23.19 14.12 -11.74
CA THR C 342 -24.00 13.14 -11.05
C THR C 342 -23.18 11.93 -10.62
N ARG C 343 -22.18 11.60 -11.44
CA ARG C 343 -21.30 10.47 -11.13
C ARG C 343 -19.85 10.80 -11.46
N PHE C 344 -18.95 10.31 -10.63
CA PHE C 344 -17.52 10.46 -10.86
C PHE C 344 -16.91 9.15 -11.33
N ALA C 345 -15.87 9.24 -12.14
CA ALA C 345 -15.21 8.04 -12.63
C ALA C 345 -14.43 7.34 -11.52
N SER C 346 -14.18 6.07 -11.72
CA SER C 346 -13.36 5.29 -10.80
C SER C 346 -11.94 5.81 -10.82
N VAL C 347 -11.23 5.64 -9.72
CA VAL C 347 -9.87 6.16 -9.64
C VAL C 347 -8.94 5.49 -10.63
N TYR C 348 -9.19 4.22 -10.96
CA TYR C 348 -8.35 3.52 -11.93
C TYR C 348 -8.54 4.06 -13.34
N ALA C 349 -9.67 4.73 -13.58
CA ALA C 349 -10.02 5.24 -14.90
C ALA C 349 -10.61 6.63 -14.77
N TRP C 350 -9.82 7.56 -14.27
CA TRP C 350 -10.30 8.91 -13.95
C TRP C 350 -10.62 9.69 -15.21
N ASN C 351 -11.58 10.63 -15.12
CA ASN C 351 -11.98 11.47 -16.25
C ASN C 351 -11.10 12.70 -16.31
N ARG C 352 -10.90 13.23 -17.54
CA ARG C 352 -10.14 14.46 -17.74
C ARG C 352 -10.87 15.43 -18.63
N THR C 353 -11.12 16.63 -18.12
CA THR C 353 -11.80 17.67 -18.88
C THR C 353 -10.86 18.80 -19.24
N ARG C 354 -10.81 19.13 -20.52
CA ARG C 354 -9.97 20.22 -21.02
C ARG C 354 -10.76 21.53 -21.06
N ILE C 355 -10.29 22.50 -20.29
CA ILE C 355 -11.00 23.77 -20.17
C ILE C 355 -10.22 24.91 -20.82
N SER C 356 -10.83 25.55 -21.81
CA SER C 356 -10.21 26.68 -22.50
C SER C 356 -11.25 27.71 -22.90
N ASN C 357 -10.81 28.81 -23.51
CA ASN C 357 -11.71 29.87 -23.95
C ASN C 357 -12.68 30.31 -22.84
N CYS C 358 -12.11 30.75 -21.71
CA CYS C 358 -12.89 31.00 -20.49
C CYS C 358 -12.62 32.36 -19.84
N VAL C 359 -13.69 32.93 -19.27
CA VAL C 359 -13.52 33.91 -18.21
C VAL C 359 -13.63 33.17 -16.89
N ALA C 360 -12.49 32.73 -16.38
CA ALA C 360 -12.46 31.71 -15.34
C ALA C 360 -12.51 32.28 -13.95
N ASP C 361 -13.72 32.47 -13.43
CA ASP C 361 -13.87 32.85 -12.04
C ASP C 361 -13.81 31.60 -11.16
N TYR C 362 -12.94 31.62 -10.17
CA TYR C 362 -12.73 30.44 -9.33
C TYR C 362 -13.50 30.57 -8.04
N SER C 363 -14.39 31.57 -7.99
CA SER C 363 -15.30 31.77 -6.88
C SER C 363 -16.35 30.66 -6.86
N VAL C 364 -16.74 30.22 -8.06
CA VAL C 364 -17.77 29.21 -8.23
C VAL C 364 -17.47 27.95 -7.45
N LEU C 365 -16.20 27.55 -7.43
CA LEU C 365 -15.77 26.34 -6.73
C LEU C 365 -15.20 26.64 -5.33
N TYR C 366 -15.43 27.86 -4.83
CA TYR C 366 -14.98 28.30 -3.51
C TYR C 366 -15.82 29.49 -3.06
N PRO C 370 -19.51 22.67 2.28
CA PRO C 370 -18.26 22.59 3.02
C PRO C 370 -17.37 21.51 2.42
N PHE C 371 -16.18 21.92 1.94
CA PHE C 371 -15.21 21.01 1.34
C PHE C 371 -14.29 20.40 2.38
N PHE C 372 -13.85 19.18 2.13
CA PHE C 372 -12.96 18.43 3.00
C PHE C 372 -11.55 18.98 2.95
N ALA C 373 -11.09 19.25 1.73
CA ALA C 373 -9.75 19.76 1.53
C ALA C 373 -9.71 20.75 0.38
N PHE C 374 -8.90 21.78 0.54
CA PHE C 374 -8.68 22.77 -0.51
C PHE C 374 -7.25 23.27 -0.41
N LYS C 375 -6.35 22.62 -1.12
CA LYS C 375 -4.94 22.96 -1.00
C LYS C 375 -4.30 23.14 -2.36
N CYS C 376 -3.57 24.23 -2.54
CA CYS C 376 -2.92 24.59 -3.80
C CYS C 376 -1.41 24.52 -3.71
N TYR C 377 -0.78 24.21 -4.83
CA TYR C 377 0.67 24.14 -4.94
C TYR C 377 1.16 25.09 -6.01
N GLY C 378 2.01 26.05 -5.63
CA GLY C 378 2.63 26.94 -6.62
C GLY C 378 1.72 28.09 -7.05
N VAL C 379 0.46 28.05 -6.63
CA VAL C 379 -0.50 29.08 -7.00
C VAL C 379 -1.24 29.56 -5.76
N SER C 380 -1.44 30.87 -5.66
CA SER C 380 -2.10 31.44 -4.50
C SER C 380 -3.62 31.28 -4.60
N PRO C 381 -4.25 30.59 -3.64
CA PRO C 381 -5.67 30.26 -3.59
C PRO C 381 -6.55 31.47 -3.26
N THR C 382 -5.94 32.51 -2.68
CA THR C 382 -6.70 33.67 -2.22
C THR C 382 -7.12 34.56 -3.38
N LYS C 383 -6.21 34.78 -4.31
CA LYS C 383 -6.46 35.65 -5.45
C LYS C 383 -6.11 34.94 -6.75
N LEU C 384 -6.55 33.70 -6.87
CA LEU C 384 -6.20 32.86 -8.01
C LEU C 384 -6.77 33.42 -9.31
N ASN C 385 -7.80 34.27 -9.18
CA ASN C 385 -8.44 34.88 -10.34
C ASN C 385 -7.49 35.78 -11.12
N ASP C 386 -6.50 36.36 -10.44
CA ASP C 386 -5.61 37.35 -11.05
C ASP C 386 -4.51 36.72 -11.91
N LEU C 387 -4.07 35.52 -11.53
CA LEU C 387 -3.03 34.82 -12.26
C LEU C 387 -3.67 33.82 -13.20
N CYS C 388 -3.53 34.03 -14.52
CA CYS C 388 -4.20 33.19 -15.50
C CYS C 388 -3.22 32.39 -16.33
N PHE C 389 -3.75 31.38 -17.02
CA PHE C 389 -2.93 30.39 -17.68
C PHE C 389 -3.39 30.12 -19.11
N THR C 390 -2.65 29.25 -19.80
CA THR C 390 -2.98 28.90 -21.17
C THR C 390 -4.11 27.89 -21.20
N ASN C 391 -4.04 26.93 -20.30
CA ASN C 391 -5.03 25.86 -20.24
C ASN C 391 -5.14 25.32 -18.82
N VAL C 392 -6.30 24.81 -18.46
CA VAL C 392 -6.44 24.10 -17.20
C VAL C 392 -7.18 22.78 -17.40
N TYR C 393 -6.70 21.74 -16.75
CA TYR C 393 -7.35 20.44 -16.83
C TYR C 393 -7.98 20.06 -15.50
N ALA C 394 -9.19 19.52 -15.56
CA ALA C 394 -9.87 19.06 -14.35
C ALA C 394 -9.96 17.54 -14.35
N ASP C 395 -9.21 16.92 -13.43
CA ASP C 395 -9.19 15.46 -13.30
C ASP C 395 -10.13 15.03 -12.19
N SER C 396 -11.17 14.27 -12.53
CA SER C 396 -12.19 13.93 -11.55
C SER C 396 -12.32 12.42 -11.30
N PHE C 397 -12.39 12.06 -10.02
CA PHE C 397 -12.54 10.68 -9.60
C PHE C 397 -13.01 10.57 -8.14
N VAL C 398 -13.38 9.36 -7.72
CA VAL C 398 -13.82 9.13 -6.33
C VAL C 398 -12.96 8.09 -5.60
N ILE C 399 -12.55 8.44 -4.38
CA ILE C 399 -11.70 7.60 -3.53
C ILE C 399 -12.18 7.58 -2.08
N LYS C 400 -11.49 7.02 -1.15
CA LYS C 400 -12.02 6.89 0.18
C LYS C 400 -11.32 7.92 0.91
N GLY C 401 -11.80 8.35 2.00
CA GLY C 401 -11.28 9.47 2.75
C GLY C 401 -9.83 9.29 3.18
N ASN C 402 -9.46 8.08 3.57
CA ASN C 402 -8.11 7.85 4.05
C ASN C 402 -7.09 7.67 2.93
N GLU C 403 -7.53 7.85 1.69
CA GLU C 403 -6.64 7.82 0.54
C GLU C 403 -6.47 9.22 -0.06
N VAL C 404 -7.15 10.21 0.53
CA VAL C 404 -7.09 11.57 0.02
C VAL C 404 -5.67 12.13 0.12
N SER C 405 -4.97 11.75 1.18
CA SER C 405 -3.61 12.22 1.40
C SER C 405 -2.63 11.75 0.32
N GLN C 406 -3.03 10.78 -0.49
CA GLN C 406 -2.17 10.30 -1.56
C GLN C 406 -2.27 11.18 -2.80
N ILE C 407 -3.27 12.06 -2.85
CA ILE C 407 -3.44 12.91 -4.00
C ILE C 407 -2.64 14.19 -3.80
N ALA C 408 -1.32 14.04 -3.84
CA ALA C 408 -0.39 15.13 -3.61
C ALA C 408 0.97 14.75 -4.17
N PRO C 409 1.76 15.74 -4.60
CA PRO C 409 3.11 15.58 -5.11
C PRO C 409 4.03 15.02 -4.03
N GLY C 410 4.89 14.10 -4.41
CA GLY C 410 5.87 13.52 -3.51
C GLY C 410 5.34 12.35 -2.69
N GLN C 411 4.07 11.99 -2.88
CA GLN C 411 3.47 10.91 -2.10
C GLN C 411 3.55 9.57 -2.80
N THR C 412 3.47 8.51 -2.01
CA THR C 412 3.45 7.13 -2.51
C THR C 412 2.27 6.38 -1.92
N GLY C 413 1.94 5.22 -2.49
CA GLY C 413 0.85 4.40 -1.97
C GLY C 413 0.10 3.62 -3.05
N ASN C 414 -0.98 2.95 -2.64
CA ASN C 414 -1.76 2.12 -3.55
C ASN C 414 -2.39 2.93 -4.68
N ILE C 415 -2.70 4.18 -4.40
CA ILE C 415 -3.26 5.06 -5.42
C ILE C 415 -2.20 5.88 -6.14
N ALA C 416 -1.28 6.45 -5.37
CA ALA C 416 -0.27 7.33 -5.93
C ALA C 416 0.57 6.66 -7.02
N ASP C 417 0.88 5.38 -6.86
CA ASP C 417 1.71 4.69 -7.83
C ASP C 417 0.95 3.91 -8.91
N TYR C 418 -0.25 3.43 -8.60
CA TYR C 418 -0.92 2.52 -9.54
C TYR C 418 -2.21 3.06 -10.15
N ASN C 419 -2.75 4.14 -9.59
CA ASN C 419 -4.03 4.65 -10.07
C ASN C 419 -3.96 6.09 -10.58
N TYR C 420 -3.41 6.98 -9.77
CA TYR C 420 -3.38 8.40 -10.12
C TYR C 420 -2.13 9.08 -9.59
N LYS C 421 -1.21 9.38 -10.50
CA LYS C 421 0.08 9.96 -10.12
C LYS C 421 0.15 11.44 -10.46
N LEU C 422 0.56 12.25 -9.48
CA LEU C 422 0.85 13.66 -9.71
C LEU C 422 2.35 13.85 -9.83
N PRO C 423 2.80 14.83 -10.62
CA PRO C 423 4.17 15.25 -10.79
C PRO C 423 4.69 15.97 -9.53
N ASP C 424 5.99 15.88 -9.29
CA ASP C 424 6.59 16.52 -8.12
C ASP C 424 6.61 18.04 -8.27
N ASP C 425 6.41 18.53 -9.50
CA ASP C 425 6.39 19.99 -9.76
C ASP C 425 4.98 20.44 -10.14
N PHE C 426 3.97 20.05 -9.36
CA PHE C 426 2.56 20.37 -9.71
C PHE C 426 2.34 21.86 -9.51
N THR C 427 1.51 22.47 -10.38
CA THR C 427 1.18 23.90 -10.27
C THR C 427 -0.31 23.83 -10.42
N GLY C 428 -1.06 23.84 -9.32
CA GLY C 428 -2.52 23.64 -9.43
C GLY C 428 -3.17 23.50 -8.07
N CYS C 429 -4.28 22.75 -7.99
CA CYS C 429 -5.02 22.69 -6.72
C CYS C 429 -5.84 21.41 -6.65
N VAL C 430 -5.84 20.76 -5.49
CA VAL C 430 -6.65 19.56 -5.32
C VAL C 430 -7.82 19.81 -4.37
N ILE C 431 -9.01 19.65 -4.90
CA ILE C 431 -10.24 19.96 -4.20
C ILE C 431 -11.01 18.68 -3.86
N ALA C 432 -11.39 18.53 -2.60
CA ALA C 432 -12.11 17.30 -2.22
C ALA C 432 -13.25 17.60 -1.28
N TRP C 433 -14.33 16.82 -1.40
CA TRP C 433 -15.45 16.94 -0.48
C TRP C 433 -16.13 15.60 -0.22
N ASN C 434 -16.80 15.51 0.91
CA ASN C 434 -17.50 14.29 1.31
C ASN C 434 -18.69 14.01 0.41
N SER C 435 -18.81 12.77 -0.04
CA SER C 435 -19.93 12.39 -0.90
C SER C 435 -20.68 11.20 -0.31
N ASN C 436 -20.72 11.12 1.02
CA ASN C 436 -21.36 10.01 1.73
C ASN C 436 -22.87 9.98 1.52
N LYS C 437 -23.44 11.12 1.14
CA LYS C 437 -24.88 11.19 0.94
C LYS C 437 -25.25 10.85 -0.50
N LEU C 438 -24.25 10.66 -1.34
CA LEU C 438 -24.48 10.42 -2.77
C LEU C 438 -24.11 9.01 -3.19
N ASP C 439 -22.89 8.60 -2.86
CA ASP C 439 -22.33 7.35 -3.37
C ASP C 439 -22.52 6.16 -2.42
N SER C 440 -22.64 6.43 -1.14
CA SER C 440 -22.70 5.35 -0.15
C SER C 440 -24.08 4.72 -0.04
N LYS C 441 -24.41 3.88 -1.01
CA LYS C 441 -25.68 3.16 -1.00
C LYS C 441 -25.69 2.14 0.14
N HIS C 442 -26.83 1.94 0.76
CA HIS C 442 -26.96 1.01 1.88
C HIS C 442 -26.77 -0.44 1.44
N SER C 443 -26.97 -0.69 0.15
CA SER C 443 -26.84 -2.03 -0.40
C SER C 443 -25.39 -2.38 -0.69
N GLY C 444 -24.52 -1.37 -0.69
CA GLY C 444 -23.12 -1.52 -1.08
C GLY C 444 -22.91 -1.02 -2.50
N ASN C 445 -22.11 0.02 -2.65
CA ASN C 445 -21.85 0.60 -3.96
C ASN C 445 -20.60 0.00 -4.58
N TYR C 446 -20.79 -0.87 -5.56
CA TYR C 446 -19.68 -1.61 -6.16
C TYR C 446 -19.33 -1.08 -7.54
N ASP C 447 -19.77 0.14 -7.84
CA ASP C 447 -19.55 0.73 -9.15
C ASP C 447 -18.22 1.48 -9.23
N TYR C 448 -17.49 1.52 -8.13
CA TYR C 448 -16.22 2.22 -8.10
C TYR C 448 -15.06 1.27 -7.85
N TRP C 449 -14.09 1.31 -8.77
CA TRP C 449 -12.98 0.36 -8.76
C TRP C 449 -11.62 1.04 -8.67
N TYR C 450 -10.65 0.30 -8.13
CA TYR C 450 -9.26 0.76 -8.07
C TYR C 450 -8.30 -0.38 -8.37
N ARG C 451 -7.11 -0.03 -8.85
CA ARG C 451 -6.10 -1.00 -9.21
C ARG C 451 -5.26 -1.45 -8.02
N LEU C 452 -5.06 -2.75 -7.92
CA LEU C 452 -4.30 -3.36 -6.83
C LEU C 452 -2.81 -3.45 -7.14
N PHE C 453 -2.49 -3.73 -8.40
CA PHE C 453 -1.11 -3.94 -8.83
C PHE C 453 -0.91 -3.53 -10.29
N ARG C 454 0.34 -3.26 -10.65
CA ARG C 454 0.66 -2.74 -11.98
C ARG C 454 1.95 -3.21 -12.65
N LYS C 455 1.96 -3.24 -13.98
CA LYS C 455 3.19 -3.56 -14.72
C LYS C 455 4.41 -2.73 -14.26
N SER C 456 4.26 -1.42 -14.36
CA SER C 456 5.24 -0.47 -13.88
C SER C 456 4.53 0.69 -13.19
N LYS C 457 5.25 1.45 -12.37
CA LYS C 457 4.64 2.60 -11.71
C LYS C 457 4.24 3.64 -12.73
N LEU C 458 3.12 4.33 -12.46
CA LEU C 458 2.60 5.31 -13.40
C LEU C 458 3.43 6.58 -13.47
N LYS C 459 3.44 7.19 -14.64
CA LYS C 459 4.00 8.51 -14.85
C LYS C 459 2.92 9.53 -14.50
N PRO C 460 3.28 10.78 -14.24
CA PRO C 460 2.37 11.87 -13.96
C PRO C 460 1.26 11.95 -15.01
N PHE C 461 0.02 11.99 -14.53
CA PHE C 461 -1.17 12.08 -15.37
C PHE C 461 -1.31 10.93 -16.37
N GLU C 462 -0.67 9.80 -16.10
CA GLU C 462 -0.84 8.61 -16.92
C GLU C 462 -2.08 7.84 -16.47
N ARG C 463 -2.83 7.31 -17.43
CA ARG C 463 -4.02 6.52 -17.13
C ARG C 463 -3.90 5.12 -17.70
N ASP C 464 -4.34 4.14 -16.92
CA ASP C 464 -4.37 2.75 -17.38
C ASP C 464 -5.73 2.12 -17.14
N ILE C 465 -6.47 1.90 -18.22
CA ILE C 465 -7.84 1.41 -18.13
C ILE C 465 -7.80 0.10 -18.90
N SER C 466 -7.07 -0.88 -18.38
CA SER C 466 -7.01 -2.19 -19.02
C SER C 466 -7.46 -3.00 -17.82
N THR C 467 -8.33 -3.98 -18.05
CA THR C 467 -8.81 -4.83 -16.96
C THR C 467 -8.59 -6.30 -17.30
N GLU C 468 -7.48 -6.59 -17.96
CA GLU C 468 -7.15 -7.96 -18.33
C GLU C 468 -6.71 -8.75 -17.10
N ILE C 469 -7.10 -10.01 -17.05
CA ILE C 469 -6.70 -10.87 -15.95
C ILE C 469 -5.26 -11.32 -16.10
N TYR C 470 -4.50 -11.30 -15.01
CA TYR C 470 -3.09 -11.64 -15.05
C TYR C 470 -2.86 -13.11 -14.78
N GLN C 471 -2.07 -13.74 -15.65
CA GLN C 471 -1.73 -15.15 -15.52
C GLN C 471 -0.29 -15.31 -15.00
N ALA C 472 -0.15 -15.77 -13.77
CA ALA C 472 1.17 -15.91 -13.16
C ALA C 472 1.83 -17.21 -13.57
N GLY C 473 1.03 -18.22 -13.89
CA GLY C 473 1.55 -19.52 -14.28
C GLY C 473 1.46 -19.74 -15.78
N ASN C 474 1.22 -20.98 -16.20
CA ASN C 474 1.13 -21.31 -17.62
C ASN C 474 -0.23 -21.90 -17.97
N LYS C 475 -1.23 -21.62 -17.14
CA LYS C 475 -2.58 -22.12 -17.39
C LYS C 475 -3.54 -20.95 -17.63
N PRO C 476 -4.42 -21.04 -18.61
CA PRO C 476 -5.45 -20.07 -18.94
C PRO C 476 -6.32 -19.77 -17.72
N CYS C 477 -6.67 -18.48 -17.59
CA CYS C 477 -7.49 -18.00 -16.48
C CYS C 477 -8.96 -17.82 -16.88
N LYS C 478 -9.31 -18.43 -18.01
CA LYS C 478 -10.69 -18.38 -18.48
C LYS C 478 -11.41 -17.13 -17.98
N LYS C 480 -9.64 -15.58 -10.86
CA LYS C 480 -10.41 -16.66 -11.47
C LYS C 480 -9.57 -17.94 -11.53
N GLY C 481 -9.35 -18.55 -10.37
CA GLY C 481 -8.58 -19.79 -10.24
C GLY C 481 -7.17 -19.52 -9.72
N PRO C 482 -6.39 -20.59 -9.51
CA PRO C 482 -5.07 -20.59 -8.93
C PRO C 482 -4.10 -19.86 -9.84
N ASN C 483 -3.25 -19.04 -9.26
CA ASN C 483 -2.26 -18.26 -10.00
C ASN C 483 -2.87 -17.26 -11.00
N CYS C 484 -4.16 -16.93 -10.83
CA CYS C 484 -4.85 -15.93 -11.64
C CYS C 484 -5.26 -14.75 -10.76
N TYR C 485 -4.91 -13.54 -11.21
CA TYR C 485 -5.18 -12.36 -10.42
C TYR C 485 -5.91 -11.29 -11.23
N PHE C 486 -6.91 -10.68 -10.61
CA PHE C 486 -7.67 -9.62 -11.25
C PHE C 486 -7.24 -8.25 -10.71
N PRO C 487 -6.62 -7.41 -11.55
CA PRO C 487 -6.04 -6.11 -11.22
C PRO C 487 -6.95 -5.17 -10.45
N LEU C 488 -8.25 -5.21 -10.72
CA LEU C 488 -9.13 -4.25 -10.06
C LEU C 488 -9.93 -4.85 -8.92
N GLN C 489 -10.09 -4.06 -7.85
CA GLN C 489 -10.91 -4.45 -6.71
C GLN C 489 -11.89 -3.32 -6.50
N SER C 490 -13.01 -3.48 -5.78
CA SER C 490 -14.04 -2.48 -5.64
C SER C 490 -14.01 -1.80 -4.27
N TYR C 491 -14.48 -0.57 -4.24
CA TYR C 491 -14.69 0.11 -2.97
C TYR C 491 -16.08 -0.20 -2.47
N GLY C 492 -16.18 -1.00 -1.43
CA GLY C 492 -17.49 -1.42 -0.93
C GLY C 492 -18.12 -0.32 -0.07
N PHE C 493 -18.39 0.82 -0.69
CA PHE C 493 -18.86 1.98 0.05
C PHE C 493 -20.22 1.73 0.69
N ARG C 494 -20.31 2.07 1.98
CA ARG C 494 -21.54 1.94 2.75
C ARG C 494 -21.68 3.10 3.74
N PRO C 495 -22.90 3.51 4.07
CA PRO C 495 -23.25 4.59 4.98
C PRO C 495 -22.93 4.24 6.43
N THR C 496 -22.58 2.98 6.67
CA THR C 496 -22.28 2.51 8.02
C THR C 496 -20.78 2.49 8.28
N TYR C 497 -20.00 2.89 7.27
CA TYR C 497 -18.55 2.93 7.41
C TYR C 497 -18.09 4.21 8.07
N GLY C 498 -16.93 4.15 8.71
CA GLY C 498 -16.38 5.34 9.36
C GLY C 498 -15.91 6.35 8.33
N VAL C 499 -15.48 7.52 8.78
CA VAL C 499 -15.16 8.61 7.88
C VAL C 499 -14.04 8.27 6.91
N GLY C 500 -13.00 7.61 7.40
CA GLY C 500 -11.85 7.31 6.56
C GLY C 500 -12.16 6.24 5.52
N HIS C 501 -13.29 5.54 5.69
CA HIS C 501 -13.65 4.45 4.80
C HIS C 501 -14.88 4.78 3.97
N GLN C 502 -15.28 6.05 3.96
CA GLN C 502 -16.44 6.46 3.19
C GLN C 502 -15.96 7.41 2.08
N PRO C 503 -16.71 7.54 0.99
CA PRO C 503 -16.30 8.12 -0.28
C PRO C 503 -16.13 9.63 -0.22
N TYR C 504 -15.14 10.10 -0.96
CA TYR C 504 -14.91 11.51 -1.20
C TYR C 504 -14.73 11.75 -2.69
N ARG C 505 -15.32 12.83 -3.18
CA ARG C 505 -15.18 13.20 -4.57
C ARG C 505 -14.08 14.23 -4.72
N VAL C 506 -13.11 13.94 -5.56
CA VAL C 506 -11.96 14.82 -5.71
C VAL C 506 -11.78 15.31 -7.14
N VAL C 507 -11.55 16.61 -7.26
CA VAL C 507 -11.27 17.25 -8.54
C VAL C 507 -9.92 17.95 -8.48
N VAL C 508 -9.02 17.57 -9.35
CA VAL C 508 -7.70 18.19 -9.39
C VAL C 508 -7.59 19.16 -10.55
N LEU C 509 -7.32 20.42 -10.24
CA LEU C 509 -7.20 21.45 -11.26
C LEU C 509 -5.73 21.71 -11.59
N SER C 510 -5.30 21.25 -12.75
CA SER C 510 -3.91 21.38 -13.16
C SER C 510 -3.74 22.52 -14.17
N PHE C 511 -3.01 23.54 -13.76
CA PHE C 511 -2.81 24.72 -14.60
C PHE C 511 -1.51 24.59 -15.37
N GLU C 512 -1.49 25.05 -16.62
CA GLU C 512 -0.25 25.01 -17.39
C GLU C 512 -0.07 26.24 -18.27
N LEU C 513 1.19 26.54 -18.58
CA LEU C 513 1.56 27.59 -19.51
C LEU C 513 2.28 26.99 -20.72
N LEU C 514 1.85 27.39 -21.91
CA LEU C 514 2.46 26.92 -23.14
C LEU C 514 3.08 28.07 -23.90
N HIS C 515 3.40 27.84 -25.17
CA HIS C 515 3.96 28.88 -26.02
C HIS C 515 2.88 29.87 -26.46
N ALA C 516 1.63 29.47 -26.31
CA ALA C 516 0.49 30.32 -26.64
C ALA C 516 0.25 31.33 -25.51
N PRO C 517 -0.36 32.48 -25.82
CA PRO C 517 -0.91 33.46 -24.90
C PRO C 517 -1.95 32.84 -23.98
N ALA C 518 -2.07 33.38 -22.76
CA ALA C 518 -3.05 32.88 -21.80
C ALA C 518 -4.46 32.94 -22.37
N THR C 519 -5.24 31.90 -22.13
CA THR C 519 -6.59 31.79 -22.68
C THR C 519 -7.65 31.61 -21.60
N VAL C 520 -7.24 31.15 -20.42
CA VAL C 520 -8.17 30.92 -19.31
C VAL C 520 -7.88 31.90 -18.18
N CYS C 521 -8.58 33.05 -18.20
CA CYS C 521 -8.29 34.17 -17.28
C CYS C 521 -9.54 34.63 -16.56
N GLY C 522 -9.38 35.06 -15.30
CA GLY C 522 -10.52 35.49 -14.52
C GLY C 522 -11.04 36.86 -14.98
N PRO C 523 -12.17 37.30 -14.44
CA PRO C 523 -12.92 38.50 -14.79
C PRO C 523 -12.08 39.77 -14.66
N LYS C 524 -12.28 40.69 -15.62
CA LYS C 524 -11.61 41.99 -15.69
C LYS C 524 -11.81 42.59 -17.08
#